data_4D5C
#
_entry.id   4D5C
#
_cell.length_a   55.150
_cell.length_b   106.060
_cell.length_c   70.080
_cell.angle_alpha   90.00
_cell.angle_beta   90.00
_cell.angle_gamma   90.00
#
_symmetry.space_group_name_H-M   'C 2 2 21'
#
loop_
_entity.id
_entity.type
_entity.pdbx_description
1 polymer 'TETRACYCLINE REPRESSOR PROTEIN TETR'
2 non-polymer 'SULFATE ION'
3 water water
#
_entity_poly.entity_id   1
_entity_poly.type   'polypeptide(L)'
_entity_poly.pdbx_seq_one_letter_code
;AKLDKEQVIDNALILLNEVGMEGLTTRKLAQKLGVEQPTLYWHVKNKRALLDALAETILQKHHHHVLPLANESWQDFLRN
NAKSFRQALLMYRDGGKIHAGTRPSANQFETSEQQLQFLCDAGFTLTQAVYALSSIAHFTLGSVLETQEHQESQKEREKV
PKTEINYPPLLTQAIDIMDSDNGEAAFLFVLDVMISGLETVLNNHH
;
_entity_poly.pdbx_strand_id   A
#
loop_
_chem_comp.id
_chem_comp.type
_chem_comp.name
_chem_comp.formula
SO4 non-polymer 'SULFATE ION' 'O4 S -2'
#
# COMPACT_ATOMS: atom_id res chain seq x y z
N ALA A 1 19.88 -25.91 -6.67
CA ALA A 1 19.00 -25.92 -5.46
C ALA A 1 17.51 -26.17 -5.78
N LYS A 2 16.72 -26.36 -4.72
CA LYS A 2 15.28 -26.33 -4.81
C LYS A 2 14.81 -24.88 -5.10
N LEU A 3 13.69 -24.74 -5.81
CA LEU A 3 13.05 -23.46 -5.94
C LEU A 3 12.33 -23.16 -4.62
N ASP A 4 12.67 -22.03 -4.00
CA ASP A 4 12.02 -21.60 -2.76
C ASP A 4 11.18 -20.37 -3.02
N LYS A 5 10.25 -20.11 -2.12
CA LYS A 5 9.30 -19.03 -2.30
C LYS A 5 9.96 -17.67 -2.39
N GLU A 6 10.92 -17.39 -1.52
CA GLU A 6 11.69 -16.16 -1.58
C GLU A 6 12.31 -15.93 -2.97
N GLN A 7 12.88 -16.99 -3.54
CA GLN A 7 13.45 -16.88 -4.89
C GLN A 7 12.34 -16.55 -5.94
N VAL A 8 11.20 -17.23 -5.85
CA VAL A 8 10.10 -16.94 -6.73
C VAL A 8 9.68 -15.47 -6.62
N ILE A 9 9.43 -15.03 -5.39
CA ILE A 9 8.90 -13.69 -5.20
C ILE A 9 9.94 -12.59 -5.55
N ASP A 10 11.19 -12.79 -5.21
CA ASP A 10 12.20 -11.80 -5.55
C ASP A 10 12.30 -11.63 -7.08
N ASN A 11 12.26 -12.76 -7.81
CA ASN A 11 12.25 -12.71 -9.27
C ASN A 11 11.01 -12.05 -9.82
N ALA A 12 9.87 -12.31 -9.18
CA ALA A 12 8.62 -11.68 -9.57
C ALA A 12 8.59 -10.16 -9.40
N LEU A 13 9.21 -9.70 -8.30
CA LEU A 13 9.31 -8.27 -8.04
C LEU A 13 10.14 -7.57 -9.11
N ILE A 14 11.24 -8.19 -9.50
CA ILE A 14 12.04 -7.71 -10.61
C ILE A 14 11.23 -7.61 -11.90
N LEU A 15 10.50 -8.69 -12.21
CA LEU A 15 9.71 -8.72 -13.41
C LEU A 15 8.60 -7.67 -13.37
N LEU A 16 7.98 -7.47 -12.20
CA LEU A 16 6.97 -6.44 -12.05
C LEU A 16 7.49 -5.07 -12.45
N ASN A 17 8.66 -4.66 -11.95
CA ASN A 17 9.21 -3.42 -12.41
C ASN A 17 9.53 -3.35 -13.90
N GLU A 18 9.95 -4.48 -14.46
CA GLU A 18 10.32 -4.56 -15.87
CA GLU A 18 10.31 -4.51 -15.89
C GLU A 18 9.10 -4.46 -16.78
N VAL A 19 8.02 -5.14 -16.42
CA VAL A 19 6.85 -5.20 -17.31
C VAL A 19 5.51 -4.66 -16.80
N GLY A 20 5.38 -4.37 -15.52
CA GLY A 20 4.12 -3.87 -15.02
C GLY A 20 3.17 -5.00 -14.66
N MET A 21 2.10 -4.64 -13.98
CA MET A 21 1.14 -5.60 -13.46
C MET A 21 0.44 -6.38 -14.57
N GLU A 22 -0.10 -5.65 -15.53
CA GLU A 22 -0.78 -6.25 -16.66
C GLU A 22 0.15 -7.21 -17.41
N GLY A 23 1.38 -6.75 -17.65
CA GLY A 23 2.38 -7.57 -18.37
C GLY A 23 2.89 -8.82 -17.66
N LEU A 24 2.82 -8.81 -16.35
CA LEU A 24 3.30 -9.87 -15.50
C LEU A 24 2.41 -11.08 -15.65
N THR A 25 2.99 -12.23 -16.02
CA THR A 25 2.19 -13.47 -16.13
C THR A 25 3.01 -14.62 -15.57
N THR A 26 2.33 -15.67 -15.13
CA THR A 26 3.05 -16.82 -14.60
C THR A 26 3.95 -17.51 -15.66
N ARG A 27 3.50 -17.48 -16.92
CA ARG A 27 4.36 -18.00 -18.02
C ARG A 27 5.69 -17.30 -18.07
N LYS A 28 5.65 -15.96 -18.05
CA LYS A 28 6.87 -15.17 -18.10
C LYS A 28 7.72 -15.39 -16.87
N LEU A 29 7.08 -15.41 -15.69
CA LEU A 29 7.85 -15.67 -14.47
C LEU A 29 8.51 -17.08 -14.48
N ALA A 30 7.78 -18.09 -14.94
CA ALA A 30 8.41 -19.43 -15.13
C ALA A 30 9.68 -19.39 -16.02
N GLN A 31 9.58 -18.70 -17.14
CA GLN A 31 10.73 -18.49 -18.01
C GLN A 31 11.90 -17.85 -17.31
N LYS A 32 11.59 -16.82 -16.53
CA LYS A 32 12.63 -16.07 -15.81
C LYS A 32 13.33 -16.99 -14.81
N LEU A 33 12.56 -17.86 -14.14
CA LEU A 33 13.06 -18.80 -13.13
C LEU A 33 13.73 -20.03 -13.75
N GLY A 34 13.50 -20.28 -15.03
CA GLY A 34 13.99 -21.49 -15.67
C GLY A 34 13.34 -22.75 -15.19
N VAL A 35 12.01 -22.67 -14.94
CA VAL A 35 11.21 -23.83 -14.59
C VAL A 35 9.95 -23.82 -15.45
N GLU A 36 9.22 -24.91 -15.42
CA GLU A 36 7.94 -24.97 -16.09
C GLU A 36 6.82 -24.59 -15.15
N GLN A 37 5.69 -24.29 -15.74
CA GLN A 37 4.53 -23.83 -14.99
C GLN A 37 4.03 -24.79 -13.86
N PRO A 38 4.01 -26.11 -14.13
CA PRO A 38 3.61 -27.01 -13.04
C PRO A 38 4.53 -26.95 -11.81
N THR A 39 5.80 -26.61 -12.02
CA THR A 39 6.74 -26.43 -10.92
C THR A 39 6.42 -25.11 -10.19
N LEU A 40 6.22 -24.03 -10.94
CA LEU A 40 5.88 -22.73 -10.32
C LEU A 40 4.54 -22.77 -9.59
N TYR A 41 3.60 -23.55 -10.15
CA TYR A 41 2.28 -23.76 -9.59
C TYR A 41 2.23 -24.03 -8.08
N TRP A 42 3.18 -24.82 -7.59
CA TRP A 42 3.23 -25.14 -6.18
C TRP A 42 3.46 -23.90 -5.33
N HIS A 43 4.06 -22.87 -5.92
CA HIS A 43 4.30 -21.61 -5.20
C HIS A 43 3.19 -20.59 -5.37
N VAL A 44 2.76 -20.39 -6.62
CA VAL A 44 1.72 -19.44 -6.94
C VAL A 44 0.80 -20.15 -7.95
N LYS A 45 -0.44 -20.44 -7.52
CA LYS A 45 -1.37 -21.25 -8.32
C LYS A 45 -1.93 -20.52 -9.52
N ASN A 46 -1.89 -19.19 -9.48
CA ASN A 46 -2.35 -18.37 -10.58
C ASN A 46 -1.90 -16.94 -10.42
N LYS A 47 -2.21 -16.11 -11.40
CA LYS A 47 -1.76 -14.72 -11.34
C LYS A 47 -2.28 -13.96 -10.13
N ARG A 48 -3.56 -14.10 -9.79
CA ARG A 48 -4.04 -13.40 -8.60
C ARG A 48 -3.32 -13.83 -7.35
N ALA A 49 -2.97 -15.10 -7.24
CA ALA A 49 -2.18 -15.54 -6.05
C ALA A 49 -0.76 -14.94 -6.06
N LEU A 50 -0.22 -14.81 -7.28
CA LEU A 50 1.08 -14.16 -7.46
C LEU A 50 1.02 -12.71 -7.01
N LEU A 51 -0.01 -11.99 -7.45
CA LEU A 51 -0.14 -10.57 -7.10
C LEU A 51 -0.35 -10.41 -5.58
N ASP A 52 -1.15 -11.30 -4.98
CA ASP A 52 -1.32 -11.27 -3.50
C ASP A 52 0.01 -11.45 -2.77
N ALA A 53 0.84 -12.38 -3.27
CA ALA A 53 2.13 -12.63 -2.67
C ALA A 53 3.08 -11.43 -2.85
N LEU A 54 3.03 -10.78 -4.02
CA LEU A 54 3.80 -9.57 -4.23
C LEU A 54 3.38 -8.46 -3.26
N ALA A 55 2.07 -8.25 -3.14
CA ALA A 55 1.55 -7.20 -2.26
C ALA A 55 2.02 -7.44 -0.85
N GLU A 56 1.88 -8.67 -0.36
CA GLU A 56 2.29 -8.99 1.00
CA GLU A 56 2.29 -9.03 0.99
C GLU A 56 3.78 -8.80 1.21
N THR A 57 4.56 -9.23 0.23
CA THR A 57 6.01 -9.11 0.34
C THR A 57 6.50 -7.68 0.28
N ILE A 58 5.87 -6.85 -0.53
CA ILE A 58 6.23 -5.47 -0.59
C ILE A 58 6.01 -4.83 0.76
N LEU A 59 4.89 -5.08 1.41
CA LEU A 59 4.71 -4.51 2.78
C LEU A 59 5.75 -5.06 3.75
N GLN A 60 5.99 -6.36 3.73
CA GLN A 60 6.94 -6.96 4.66
C GLN A 60 8.31 -6.33 4.50
N LYS A 61 8.72 -6.11 3.25
CA LYS A 61 10.02 -5.53 2.98
C LYS A 61 10.14 -4.03 3.21
N HIS A 62 9.06 -3.28 3.04
CA HIS A 62 9.20 -1.83 2.97
C HIS A 62 8.26 -1.00 3.85
N HIS A 63 7.23 -1.63 4.41
CA HIS A 63 6.27 -0.93 5.27
C HIS A 63 6.62 -1.24 6.72
N HIS A 64 7.41 -0.36 7.32
CA HIS A 64 7.99 -0.67 8.63
C HIS A 64 7.27 0.02 9.80
N HIS A 65 6.49 1.07 9.57
CA HIS A 65 5.79 1.70 10.70
C HIS A 65 4.45 1.00 10.99
N VAL A 66 4.54 -0.26 11.41
CA VAL A 66 3.36 -1.11 11.61
C VAL A 66 2.91 -1.18 13.07
N LEU A 67 3.74 -0.75 13.99
CA LEU A 67 3.32 -0.58 15.39
C LEU A 67 3.63 0.79 15.88
N PRO A 68 2.88 1.27 16.89
CA PRO A 68 3.26 2.53 17.49
C PRO A 68 4.67 2.48 18.14
N LEU A 69 5.42 3.56 18.02
CA LEU A 69 6.72 3.62 18.68
C LEU A 69 6.49 3.80 20.15
N ALA A 70 7.53 3.53 20.95
CA ALA A 70 7.36 3.80 22.38
C ALA A 70 6.87 5.24 22.59
N ASN A 71 5.90 5.42 23.46
CA ASN A 71 5.39 6.75 23.73
C ASN A 71 4.62 7.49 22.60
N GLU A 72 4.49 6.90 21.39
CA GLU A 72 3.78 7.56 20.30
C GLU A 72 2.28 7.63 20.58
N SER A 73 1.69 8.77 20.25
CA SER A 73 0.24 8.93 20.39
C SER A 73 -0.44 8.18 19.26
N TRP A 74 -1.73 7.87 19.47
CA TRP A 74 -2.46 7.31 18.35
C TRP A 74 -2.45 8.22 17.10
N GLN A 75 -2.50 9.53 17.30
CA GLN A 75 -2.46 10.49 16.21
C GLN A 75 -1.15 10.35 15.40
N ASP A 76 -0.05 10.32 16.11
CA ASP A 76 1.24 10.15 15.41
C ASP A 76 1.38 8.75 14.81
N PHE A 77 0.88 7.73 15.48
CA PHE A 77 0.94 6.40 14.94
C PHE A 77 0.16 6.32 13.58
N LEU A 78 -1.08 6.79 13.53
CA LEU A 78 -1.81 6.78 12.24
C LEU A 78 -1.09 7.60 11.15
N ARG A 79 -0.50 8.73 11.54
CA ARG A 79 0.15 9.60 10.59
C ARG A 79 1.36 8.85 9.99
N ASN A 80 2.14 8.26 10.88
CA ASN A 80 3.40 7.60 10.44
C ASN A 80 3.14 6.26 9.79
N ASN A 81 2.10 5.57 10.21
CA ASN A 81 1.69 4.36 9.56
C ASN A 81 1.30 4.66 8.11
N ALA A 82 0.49 5.73 7.91
CA ALA A 82 0.06 6.14 6.56
C ALA A 82 1.22 6.54 5.63
N LYS A 83 2.14 7.33 6.18
CA LYS A 83 3.34 7.74 5.43
C LYS A 83 4.18 6.52 5.02
N SER A 84 4.37 5.61 5.95
CA SER A 84 5.14 4.38 5.72
C SER A 84 4.44 3.56 4.64
N PHE A 85 3.13 3.40 4.79
CA PHE A 85 2.33 2.68 3.75
C PHE A 85 2.49 3.30 2.35
N ARG A 86 2.34 4.61 2.27
CA ARG A 86 2.39 5.30 1.00
C ARG A 86 3.75 5.08 0.33
N GLN A 87 4.82 5.21 1.13
CA GLN A 87 6.14 5.04 0.54
C GLN A 87 6.35 3.59 0.06
N ALA A 88 5.86 2.63 0.85
CA ALA A 88 5.96 1.21 0.46
C ALA A 88 5.21 0.98 -0.83
N LEU A 89 3.99 1.48 -0.96
CA LEU A 89 3.24 1.31 -2.21
C LEU A 89 3.90 1.96 -3.42
N LEU A 90 4.60 3.08 -3.21
CA LEU A 90 5.30 3.74 -4.30
C LEU A 90 6.62 3.06 -4.73
N MET A 91 7.09 2.07 -3.99
CA MET A 91 8.38 1.43 -4.25
C MET A 91 8.42 0.68 -5.57
N TYR A 92 7.29 0.08 -5.97
CA TYR A 92 7.20 -0.74 -7.15
C TYR A 92 6.17 -0.21 -8.14
N ARG A 93 6.43 -0.53 -9.40
CA ARG A 93 5.54 -0.22 -10.51
C ARG A 93 4.20 -0.87 -10.25
N ASP A 94 3.13 -0.10 -10.46
CA ASP A 94 1.77 -0.57 -10.20
C ASP A 94 1.53 -1.04 -8.79
N GLY A 95 2.29 -0.45 -7.83
CA GLY A 95 2.28 -0.93 -6.46
C GLY A 95 0.92 -0.77 -5.82
N GLY A 96 0.27 0.34 -6.12
CA GLY A 96 -1.09 0.59 -5.67
C GLY A 96 -2.10 -0.41 -6.23
N LYS A 97 -2.09 -0.58 -7.55
CA LYS A 97 -2.99 -1.56 -8.19
C LYS A 97 -2.82 -2.98 -7.70
N ILE A 98 -1.57 -3.37 -7.49
CA ILE A 98 -1.22 -4.66 -6.93
C ILE A 98 -1.76 -4.90 -5.51
N HIS A 99 -1.74 -3.84 -4.70
CA HIS A 99 -2.11 -3.95 -3.33
C HIS A 99 -3.62 -4.13 -3.13
N ALA A 100 -4.39 -3.42 -3.93
CA ALA A 100 -5.85 -3.35 -3.72
C ALA A 100 -6.50 -4.72 -3.48
N GLY A 101 -7.22 -4.79 -2.36
CA GLY A 101 -8.08 -5.92 -2.02
C GLY A 101 -7.39 -7.03 -1.23
N THR A 102 -6.09 -6.91 -0.99
CA THR A 102 -5.33 -7.99 -0.37
C THR A 102 -5.54 -7.96 1.15
N ARG A 103 -5.35 -9.09 1.81
CA ARG A 103 -5.47 -9.18 3.27
C ARG A 103 -4.10 -9.28 3.92
N PRO A 104 -4.02 -9.05 5.26
CA PRO A 104 -2.73 -9.28 5.90
C PRO A 104 -2.35 -10.75 5.78
N SER A 105 -1.08 -11.01 5.58
CA SER A 105 -0.60 -12.37 5.64
C SER A 105 -0.33 -12.81 7.08
N ALA A 106 -0.02 -14.09 7.20
CA ALA A 106 0.13 -14.75 8.47
C ALA A 106 1.19 -14.03 9.26
N ASN A 107 2.27 -13.63 8.58
CA ASN A 107 3.33 -12.86 9.23
C ASN A 107 2.93 -11.42 9.64
N GLN A 108 1.76 -10.97 9.22
CA GLN A 108 1.25 -9.67 9.63
C GLN A 108 0.03 -9.78 10.58
N PHE A 109 -0.44 -10.97 10.91
CA PHE A 109 -1.60 -11.10 11.84
C PHE A 109 -1.36 -10.46 13.20
N GLU A 110 -0.24 -10.80 13.81
CA GLU A 110 0.19 -10.26 15.09
C GLU A 110 0.12 -8.73 15.14
N THR A 111 0.78 -8.08 14.17
CA THR A 111 0.85 -6.60 14.22
C THR A 111 -0.49 -5.97 13.85
N SER A 112 -1.25 -6.59 12.95
CA SER A 112 -2.61 -6.12 12.64
C SER A 112 -3.53 -6.19 13.87
N GLU A 113 -3.40 -7.25 14.64
CA GLU A 113 -4.18 -7.35 15.90
C GLU A 113 -3.76 -6.29 16.88
N GLN A 114 -2.45 -6.10 17.00
CA GLN A 114 -1.95 -5.11 17.95
C GLN A 114 -2.38 -3.69 17.57
N GLN A 115 -2.47 -3.40 16.27
CA GLN A 115 -2.96 -2.07 15.82
C GLN A 115 -4.38 -1.79 16.35
N LEU A 116 -5.22 -2.80 16.18
CA LEU A 116 -6.61 -2.70 16.62
C LEU A 116 -6.68 -2.55 18.13
N GLN A 117 -5.93 -3.38 18.85
CA GLN A 117 -5.95 -3.33 20.31
C GLN A 117 -5.48 -1.95 20.82
N PHE A 118 -4.38 -1.50 20.18
CA PHE A 118 -3.84 -0.15 20.47
C PHE A 118 -4.86 0.98 20.36
N LEU A 119 -5.61 1.01 19.28
CA LEU A 119 -6.61 2.03 19.06
C LEU A 119 -7.75 1.88 20.10
N CYS A 120 -8.16 0.64 20.38
CA CYS A 120 -9.17 0.41 21.42
C CYS A 120 -8.67 0.96 22.78
N ASP A 121 -7.42 0.64 23.09
CA ASP A 121 -6.77 1.10 24.33
C ASP A 121 -6.72 2.62 24.38
N ALA A 122 -6.63 3.30 23.24
CA ALA A 122 -6.70 4.78 23.12
C ALA A 122 -8.07 5.40 23.32
N GLY A 123 -9.10 4.56 23.34
CA GLY A 123 -10.46 4.98 23.63
C GLY A 123 -11.44 4.83 22.49
N PHE A 124 -10.96 4.31 21.36
CA PHE A 124 -11.80 4.00 20.21
C PHE A 124 -12.64 2.76 20.51
N THR A 125 -13.90 2.72 20.08
CA THR A 125 -14.59 1.42 20.04
C THR A 125 -13.88 0.54 18.97
N LEU A 126 -14.05 -0.78 19.04
CA LEU A 126 -13.53 -1.65 18.01
C LEU A 126 -14.02 -1.22 16.63
N THR A 127 -15.31 -0.94 16.49
CA THR A 127 -15.81 -0.52 15.19
C THR A 127 -15.11 0.78 14.70
N GLN A 128 -14.95 1.73 15.61
CA GLN A 128 -14.31 2.99 15.26
C GLN A 128 -12.84 2.75 14.90
N ALA A 129 -12.17 1.81 15.58
CA ALA A 129 -10.80 1.47 15.28
C ALA A 129 -10.68 0.85 13.88
N VAL A 130 -11.60 -0.03 13.55
CA VAL A 130 -11.58 -0.66 12.22
C VAL A 130 -11.76 0.41 11.15
N TYR A 131 -12.74 1.29 11.36
CA TYR A 131 -13.00 2.33 10.40
C TYR A 131 -11.86 3.35 10.26
N ALA A 132 -11.20 3.65 11.37
CA ALA A 132 -10.08 4.56 11.35
C ALA A 132 -8.93 4.00 10.54
N LEU A 133 -8.63 2.74 10.77
CA LEU A 133 -7.57 2.12 9.97
C LEU A 133 -7.95 2.07 8.49
N SER A 134 -9.21 1.77 8.19
CA SER A 134 -9.70 1.76 6.78
C SER A 134 -9.56 3.13 6.11
N SER A 135 -9.75 4.20 6.88
CA SER A 135 -9.70 5.57 6.36
C SER A 135 -8.28 5.87 5.83
N ILE A 136 -7.28 5.47 6.59
CA ILE A 136 -5.91 5.67 6.24
C ILE A 136 -5.54 4.79 5.06
N ALA A 137 -5.96 3.52 5.10
CA ALA A 137 -5.60 2.60 4.05
C ALA A 137 -6.19 3.03 2.72
N HIS A 138 -7.47 3.38 2.74
CA HIS A 138 -8.17 3.66 1.49
C HIS A 138 -7.74 4.99 0.91
N PHE A 139 -7.59 6.02 1.77
CA PHE A 139 -7.18 7.31 1.25
C PHE A 139 -5.74 7.20 0.68
N THR A 140 -4.90 6.51 1.43
CA THR A 140 -3.49 6.39 0.98
C THR A 140 -3.44 5.65 -0.36
N LEU A 141 -4.23 4.58 -0.46
CA LEU A 141 -4.22 3.79 -1.69
C LEU A 141 -4.68 4.62 -2.87
N GLY A 142 -5.75 5.41 -2.69
CA GLY A 142 -6.26 6.29 -3.73
C GLY A 142 -5.25 7.35 -4.14
N SER A 143 -4.60 7.94 -3.17
CA SER A 143 -3.53 8.91 -3.41
C SER A 143 -2.41 8.30 -4.28
N VAL A 144 -1.98 7.08 -3.96
CA VAL A 144 -0.88 6.42 -4.67
C VAL A 144 -1.31 6.01 -6.09
N LEU A 145 -2.52 5.48 -6.22
CA LEU A 145 -3.02 5.12 -7.56
C LEU A 145 -2.99 6.31 -8.48
N GLU A 146 -3.42 7.45 -7.96
CA GLU A 146 -3.48 8.67 -8.76
C GLU A 146 -2.08 9.09 -9.23
N THR A 147 -1.10 9.14 -8.33
CA THR A 147 0.22 9.63 -8.67
C THR A 147 0.92 8.63 -9.60
N GLN A 148 0.74 7.34 -9.33
CA GLN A 148 1.39 6.31 -10.19
C GLN A 148 0.89 6.36 -11.63
N GLU A 149 -0.43 6.48 -11.79
CA GLU A 149 -1.00 6.65 -13.12
C GLU A 149 -0.53 7.95 -13.81
N HIS A 150 -0.51 9.08 -13.09
CA HIS A 150 0.01 10.32 -13.69
C HIS A 150 1.46 10.21 -14.10
N GLN A 151 2.26 9.57 -13.27
CA GLN A 151 3.65 9.36 -13.61
C GLN A 151 3.69 8.47 -14.82
N GLU A 152 2.95 7.36 -14.78
CA GLU A 152 2.95 6.35 -15.85
C GLU A 152 2.58 6.90 -17.22
N SER A 153 1.92 8.05 -17.31
CA SER A 153 1.78 8.73 -18.59
C SER A 153 3.19 9.01 -19.20
N GLN A 154 3.64 8.07 -20.02
CA GLN A 154 5.02 8.04 -20.59
C GLN A 154 6.04 7.65 -19.52
N ILE A 165 -3.84 21.56 -24.50
CA ILE A 165 -4.94 21.21 -23.58
C ILE A 165 -5.32 22.36 -22.58
N ASN A 166 -6.43 23.04 -22.86
CA ASN A 166 -6.76 24.28 -22.14
C ASN A 166 -7.87 24.15 -21.10
N TYR A 167 -7.43 23.84 -19.88
CA TYR A 167 -8.31 23.81 -18.71
C TYR A 167 -8.74 25.21 -18.26
N PRO A 168 -9.92 25.32 -17.64
CA PRO A 168 -10.23 26.63 -17.04
C PRO A 168 -9.24 26.99 -15.90
N PRO A 169 -9.28 28.25 -15.44
CA PRO A 169 -8.16 28.67 -14.61
C PRO A 169 -8.03 28.07 -13.22
N LEU A 170 -9.13 27.83 -12.52
CA LEU A 170 -8.98 27.25 -11.20
C LEU A 170 -8.54 25.81 -11.40
N LEU A 171 -9.10 25.15 -12.41
CA LEU A 171 -8.75 23.75 -12.65
C LEU A 171 -7.28 23.61 -13.06
N THR A 172 -6.80 24.54 -13.87
CA THR A 172 -5.37 24.56 -14.22
C THR A 172 -4.48 24.63 -12.97
N GLN A 173 -4.84 25.50 -12.02
CA GLN A 173 -4.09 25.60 -10.75
C GLN A 173 -4.20 24.32 -9.90
N ALA A 174 -5.41 23.76 -9.84
CA ALA A 174 -5.66 22.48 -9.18
C ALA A 174 -4.72 21.36 -9.69
N ILE A 175 -4.57 21.26 -11.01
CA ILE A 175 -3.76 20.19 -11.58
C ILE A 175 -2.31 20.37 -11.19
N ASP A 176 -1.84 21.61 -11.28
N ASP A 176 -1.83 21.61 -11.27
CA ASP A 176 -0.49 21.97 -10.87
CA ASP A 176 -0.47 21.96 -10.84
C ASP A 176 -0.25 21.71 -9.38
C ASP A 176 -0.25 21.65 -9.36
N ILE A 177 -1.22 22.01 -8.54
CA ILE A 177 -1.12 21.78 -7.09
C ILE A 177 -1.03 20.29 -6.73
N MET A 178 -1.77 19.45 -7.45
CA MET A 178 -1.72 18.02 -7.20
C MET A 178 -0.44 17.39 -7.83
N ASP A 179 -0.05 17.85 -9.00
CA ASP A 179 0.96 17.10 -9.77
C ASP A 179 2.36 17.53 -9.45
N SER A 180 2.54 18.79 -9.03
CA SER A 180 3.87 19.40 -8.92
C SER A 180 4.81 18.72 -7.91
N ASP A 181 4.23 18.01 -6.94
CA ASP A 181 4.99 17.21 -5.97
C ASP A 181 4.46 15.76 -5.88
N ASN A 182 3.79 15.29 -6.93
CA ASN A 182 3.27 13.91 -6.93
C ASN A 182 2.34 13.64 -5.73
N GLY A 183 1.56 14.66 -5.40
CA GLY A 183 0.50 14.51 -4.47
C GLY A 183 0.91 14.49 -3.02
N GLU A 184 2.17 14.81 -2.72
CA GLU A 184 2.67 14.79 -1.35
C GLU A 184 2.00 15.79 -0.39
N ALA A 185 1.94 17.05 -0.80
CA ALA A 185 1.36 18.07 0.07
C ALA A 185 -0.12 17.80 0.34
N ALA A 186 -0.85 17.39 -0.70
CA ALA A 186 -2.25 17.08 -0.57
C ALA A 186 -2.40 15.91 0.38
N PHE A 187 -1.53 14.92 0.25
CA PHE A 187 -1.56 13.73 1.10
C PHE A 187 -1.41 14.12 2.59
N LEU A 188 -0.39 14.94 2.87
CA LEU A 188 -0.16 15.40 4.26
C LEU A 188 -1.35 16.19 4.85
N PHE A 189 -1.89 17.07 4.05
CA PHE A 189 -3.04 17.86 4.44
C PHE A 189 -4.24 16.99 4.83
N VAL A 190 -4.59 16.03 3.97
CA VAL A 190 -5.72 15.16 4.23
C VAL A 190 -5.46 14.25 5.41
N LEU A 191 -4.23 13.78 5.55
CA LEU A 191 -3.91 12.97 6.67
C LEU A 191 -4.23 13.76 7.99
N ASP A 192 -3.88 15.04 8.08
CA ASP A 192 -4.21 15.84 9.25
C ASP A 192 -5.72 16.11 9.38
N VAL A 193 -6.41 16.29 8.26
CA VAL A 193 -7.86 16.36 8.24
C VAL A 193 -8.50 15.11 8.87
N MET A 194 -7.99 13.94 8.49
CA MET A 194 -8.55 12.71 9.01
CA MET A 194 -8.52 12.69 9.02
C MET A 194 -8.29 12.58 10.49
N ILE A 195 -7.06 12.87 10.91
CA ILE A 195 -6.77 12.83 12.34
C ILE A 195 -7.71 13.76 13.14
N SER A 196 -7.93 14.99 12.64
CA SER A 196 -8.76 15.96 13.37
CA SER A 196 -8.82 15.98 13.32
C SER A 196 -10.21 15.44 13.41
N GLY A 197 -10.69 14.85 12.32
CA GLY A 197 -12.05 14.35 12.34
C GLY A 197 -12.23 13.18 13.29
N LEU A 198 -11.23 12.32 13.40
CA LEU A 198 -11.24 11.22 14.35
C LEU A 198 -11.21 11.71 15.79
N GLU A 199 -10.44 12.76 16.07
CA GLU A 199 -10.48 13.41 17.40
C GLU A 199 -11.92 13.81 17.71
N THR A 200 -12.58 14.40 16.72
CA THR A 200 -13.98 14.77 16.89
C THR A 200 -14.92 13.60 17.20
N VAL A 201 -14.68 12.47 16.52
CA VAL A 201 -15.39 11.23 16.84
C VAL A 201 -15.18 10.81 18.30
N LEU A 202 -13.94 10.84 18.78
CA LEU A 202 -13.67 10.48 20.17
C LEU A 202 -14.36 11.42 21.16
N ASN A 203 -14.67 12.64 20.75
CA ASN A 203 -15.42 13.55 21.65
C ASN A 203 -16.76 13.00 22.05
N ASN A 204 -17.48 12.46 21.08
CA ASN A 204 -18.76 11.80 21.33
C ASN A 204 -18.75 10.36 20.84
S SO4 B . 1.06 -15.47 -21.40
O1 SO4 B . 0.24 -14.78 -22.41
O2 SO4 B . 2.13 -14.51 -20.90
O3 SO4 B . 1.67 -16.65 -22.01
O4 SO4 B . 0.20 -15.85 -20.25
#